data_9KS7
#
_entry.id   9KS7
#
_cell.length_a   51.531
_cell.length_b   72.371
_cell.length_c   88.646
_cell.angle_alpha   90.000
_cell.angle_beta   94.431
_cell.angle_gamma   90.000
#
_symmetry.space_group_name_H-M   'P 1 21 1'
#
loop_
_entity.id
_entity.type
_entity.pdbx_description
1 polymer 'C-type lectin domain-containing protein'
2 non-polymer GLYCEROL
3 non-polymer 'CALCIUM ION'
4 water water
#
_entity_poly.entity_id   1
_entity_poly.type   'polypeptide(L)'
_entity_poly.pdbx_seq_one_letter_code
;MNGTAEERNKFDKLDPYFQQGWFHFQKSLYYISSVKNTWHLSREYCLQEGADLAIINSRAEQAFLENFKMTLWIGLMEQR
SERTWRWVDGTPLTESYWSLGEPNNYEGRQEQCVEQIDREDKKGWNDLVCEFSNFYMCEKRIFP
;
_entity_poly.pdbx_strand_id   A,B,E,G
#
loop_
_chem_comp.id
_chem_comp.type
_chem_comp.name
_chem_comp.formula
CA non-polymer 'CALCIUM ION' 'Ca 2'
GOL non-polymer GLYCEROL 'C3 H8 O3'
#
# COMPACT_ATOMS: atom_id res chain seq x y z
N ASN A 9 -9.29 11.70 -15.52
CA ASN A 9 -9.07 10.26 -15.66
C ASN A 9 -8.28 9.70 -14.49
N LYS A 10 -6.98 9.58 -14.71
CA LYS A 10 -6.08 9.11 -13.68
C LYS A 10 -5.88 10.14 -12.58
N PHE A 11 -6.33 11.38 -12.78
CA PHE A 11 -6.10 12.44 -11.79
C PHE A 11 -6.93 12.23 -10.53
N ASP A 12 -8.10 11.62 -10.63
CA ASP A 12 -8.84 11.29 -9.42
C ASP A 12 -8.05 10.35 -8.52
N LYS A 13 -7.24 9.46 -9.10
CA LYS A 13 -6.36 8.65 -8.28
C LYS A 13 -5.17 9.48 -7.79
N LEU A 14 -4.65 10.38 -8.63
CA LEU A 14 -3.36 11.00 -8.35
C LEU A 14 -3.46 12.24 -7.47
N ASP A 15 -4.47 13.10 -7.70
CA ASP A 15 -4.51 14.39 -7.02
C ASP A 15 -4.45 14.35 -5.50
N PRO A 16 -5.10 13.41 -4.78
CA PRO A 16 -4.92 13.37 -3.32
C PRO A 16 -3.49 13.09 -2.90
N TYR A 17 -2.74 12.27 -3.65
CA TYR A 17 -1.33 12.09 -3.34
C TYR A 17 -0.47 13.25 -3.78
N PHE A 18 -0.74 13.85 -4.96
CA PHE A 18 -0.03 15.08 -5.31
C PHE A 18 -0.19 16.11 -4.21
N GLN A 19 -1.39 16.17 -3.63
CA GLN A 19 -1.69 17.15 -2.60
C GLN A 19 -0.84 16.93 -1.35
N GLN A 20 -0.37 15.71 -1.13
CA GLN A 20 0.54 15.41 -0.02
C GLN A 20 2.01 15.39 -0.46
N GLY A 21 2.32 15.80 -1.68
CA GLY A 21 3.69 15.88 -2.15
C GLY A 21 4.23 14.64 -2.82
N TRP A 22 3.40 13.63 -3.08
CA TRP A 22 3.83 12.49 -3.88
C TRP A 22 3.92 12.89 -5.35
N PHE A 23 4.66 12.10 -6.13
CA PHE A 23 4.78 12.38 -7.56
C PHE A 23 4.83 11.08 -8.33
N HIS A 24 4.57 11.18 -9.62
CA HIS A 24 4.20 10.04 -10.44
C HIS A 24 5.29 9.68 -11.46
N PHE A 25 5.70 8.42 -11.47
CA PHE A 25 6.66 7.94 -12.44
C PHE A 25 6.25 6.51 -12.83
N GLN A 26 6.08 6.28 -14.14
CA GLN A 26 5.63 4.98 -14.70
C GLN A 26 4.28 4.63 -14.08
N LYS A 27 4.16 3.54 -13.33
CA LYS A 27 2.86 3.16 -12.82
C LYS A 27 2.70 3.46 -11.35
N SER A 28 3.62 4.22 -10.76
CA SER A 28 3.69 4.36 -9.31
C SER A 28 3.68 5.82 -8.90
N LEU A 29 3.29 6.01 -7.64
CA LEU A 29 3.50 7.28 -6.95
C LEU A 29 4.66 7.10 -5.98
N TYR A 30 5.46 8.15 -5.82
CA TYR A 30 6.64 8.07 -4.97
C TYR A 30 6.62 9.22 -3.97
N TYR A 31 7.24 8.98 -2.82
CA TYR A 31 7.32 9.96 -1.75
C TYR A 31 8.75 10.00 -1.24
N ILE A 32 9.34 11.20 -1.18
CA ILE A 32 10.66 11.38 -0.57
C ILE A 32 10.44 12.01 0.80
N SER A 33 10.98 11.38 1.85
CA SER A 33 10.71 11.89 3.20
C SER A 33 11.41 13.22 3.42
N SER A 34 10.91 13.95 4.42
CA SER A 34 11.56 15.18 4.86
CA SER A 34 11.50 15.18 4.90
C SER A 34 12.28 15.00 6.20
N VAL A 35 12.26 13.79 6.75
CA VAL A 35 12.99 13.42 7.97
C VAL A 35 13.77 12.15 7.66
N LYS A 36 14.83 11.92 8.44
CA LYS A 36 15.56 10.67 8.34
C LYS A 36 14.99 9.68 9.37
N ASN A 37 15.19 8.40 9.11
CA ASN A 37 14.75 7.44 10.12
C ASN A 37 15.47 6.12 9.90
N THR A 38 15.35 5.22 10.89
CA THR A 38 15.88 3.87 10.72
C THR A 38 15.15 3.18 9.57
N TRP A 39 15.74 2.10 9.07
CA TRP A 39 15.07 1.42 7.95
C TRP A 39 13.67 0.98 8.36
N HIS A 40 13.54 0.42 9.56
CA HIS A 40 12.25 -0.13 9.96
C HIS A 40 11.21 0.95 10.20
N LEU A 41 11.61 2.07 10.80
CA LEU A 41 10.63 3.14 11.02
C LEU A 41 10.32 3.89 9.74
N SER A 42 11.30 3.97 8.82
CA SER A 42 11.01 4.47 7.47
C SER A 42 9.94 3.62 6.82
N ARG A 43 10.11 2.30 6.85
CA ARG A 43 9.08 1.42 6.29
C ARG A 43 7.74 1.65 6.96
N GLU A 44 7.72 1.81 8.29
CA GLU A 44 6.44 1.97 8.97
C GLU A 44 5.69 3.17 8.43
N TYR A 45 6.42 4.26 8.10
CA TYR A 45 5.75 5.42 7.55
C TYR A 45 5.08 5.07 6.22
N CYS A 46 5.85 4.43 5.34
CA CYS A 46 5.33 4.06 4.02
C CYS A 46 4.09 3.17 4.17
N LEU A 47 4.15 2.21 5.11
CA LEU A 47 3.02 1.31 5.34
C LEU A 47 1.81 2.08 5.85
N GLN A 48 2.03 3.04 6.77
CA GLN A 48 0.93 3.83 7.29
C GLN A 48 0.24 4.63 6.17
N GLU A 49 0.98 4.99 5.13
CA GLU A 49 0.45 5.77 4.03
C GLU A 49 -0.09 4.89 2.91
N GLY A 50 -0.26 3.60 3.15
CA GLY A 50 -0.78 2.75 2.09
C GLY A 50 0.22 2.44 1.00
N ALA A 51 1.48 2.26 1.37
CA ALA A 51 2.51 2.03 0.37
C ALA A 51 3.57 1.13 1.00
N ASP A 52 4.80 1.20 0.50
CA ASP A 52 5.91 0.50 1.13
C ASP A 52 7.17 1.22 0.66
N LEU A 53 8.33 0.78 1.15
CA LEU A 53 9.57 1.33 0.64
C LEU A 53 9.73 0.99 -0.85
N ALA A 54 10.46 1.84 -1.57
CA ALA A 54 10.55 1.73 -3.02
C ALA A 54 11.13 0.37 -3.43
N ILE A 55 10.56 -0.22 -4.47
CA ILE A 55 11.04 -1.46 -5.06
C ILE A 55 11.55 -1.15 -6.47
N ILE A 56 12.82 -1.48 -6.73
CA ILE A 56 13.44 -1.14 -8.01
C ILE A 56 13.23 -2.31 -8.98
N ASN A 57 12.45 -2.06 -10.04
CA ASN A 57 12.01 -3.10 -10.97
C ASN A 57 12.61 -2.97 -12.37
N SER A 58 13.36 -1.90 -12.65
CA SER A 58 13.86 -1.68 -14.00
C SER A 58 15.06 -0.76 -13.96
N ARG A 59 15.85 -0.79 -15.03
CA ARG A 59 16.97 0.15 -15.11
C ARG A 59 16.47 1.58 -15.10
N ALA A 60 15.37 1.84 -15.78
CA ALA A 60 14.82 3.20 -15.81
C ALA A 60 14.45 3.66 -14.40
N GLU A 61 13.91 2.76 -13.58
CA GLU A 61 13.52 3.14 -12.22
C GLU A 61 14.75 3.35 -11.35
N GLN A 62 15.80 2.57 -11.56
CA GLN A 62 17.06 2.83 -10.87
C GLN A 62 17.64 4.19 -11.27
N ALA A 63 17.61 4.51 -12.57
CA ALA A 63 18.12 5.82 -13.01
C ALA A 63 17.32 6.96 -12.39
N PHE A 64 16.01 6.80 -12.31
CA PHE A 64 15.14 7.78 -11.65
C PHE A 64 15.54 7.95 -10.18
N LEU A 65 15.73 6.83 -9.47
CA LEU A 65 16.15 6.89 -8.07
C LEU A 65 17.48 7.61 -7.94
N GLU A 66 18.43 7.27 -8.81
CA GLU A 66 19.79 7.79 -8.69
C GLU A 66 19.85 9.28 -8.99
N ASN A 67 18.97 9.75 -9.87
CA ASN A 67 19.04 11.14 -10.29
C ASN A 67 18.57 12.12 -9.21
N PHE A 68 17.95 11.63 -8.13
CA PHE A 68 17.63 12.56 -7.05
C PHE A 68 18.85 12.93 -6.23
N LYS A 69 20.01 12.30 -6.48
CA LYS A 69 21.26 12.73 -5.85
C LYS A 69 21.16 12.74 -4.33
N MET A 70 20.54 11.68 -3.79
CA MET A 70 20.15 11.66 -2.40
C MET A 70 20.35 10.26 -1.85
N THR A 71 20.92 10.14 -0.66
CA THR A 71 21.02 8.83 -0.04
C THR A 71 19.66 8.45 0.54
N LEU A 72 19.14 7.29 0.14
CA LEU A 72 17.78 6.91 0.49
C LEU A 72 17.68 5.45 0.87
N TRP A 73 16.97 5.15 1.96
CA TRP A 73 16.58 3.77 2.19
C TRP A 73 15.65 3.32 1.09
N ILE A 74 15.80 2.07 0.65
CA ILE A 74 14.87 1.45 -0.30
C ILE A 74 14.41 0.11 0.26
N GLY A 75 13.44 -0.47 -0.43
CA GLY A 75 12.70 -1.61 0.14
C GLY A 75 13.35 -2.97 -0.05
N LEU A 76 14.64 -3.09 0.20
CA LEU A 76 15.36 -4.35 0.01
C LEU A 76 16.02 -4.73 1.33
N MET A 77 15.88 -5.99 1.75
CA MET A 77 16.40 -6.42 3.03
CA MET A 77 16.42 -6.41 3.03
C MET A 77 16.98 -7.82 2.92
N GLU A 78 18.03 -8.07 3.71
CA GLU A 78 18.66 -9.37 3.73
C GLU A 78 17.73 -10.39 4.36
N GLN A 79 17.81 -11.62 3.86
CA GLN A 79 17.12 -12.75 4.49
C GLN A 79 18.03 -13.26 5.61
N ARG A 80 17.71 -12.91 6.86
CA ARG A 80 18.52 -13.24 8.05
C ARG A 80 19.96 -12.81 7.79
N SER A 81 20.95 -13.69 7.93
CA SER A 81 22.34 -13.36 7.65
C SER A 81 22.85 -14.08 6.40
N GLU A 82 21.94 -14.55 5.55
CA GLU A 82 22.30 -15.44 4.44
C GLU A 82 22.89 -14.73 3.24
N ARG A 83 22.95 -13.39 3.25
CA ARG A 83 23.49 -12.63 2.13
C ARG A 83 22.71 -12.93 0.86
N THR A 84 21.43 -13.22 1.02
CA THR A 84 20.48 -13.21 -0.07
C THR A 84 19.46 -12.14 0.29
N TRP A 85 18.71 -11.66 -0.70
CA TRP A 85 17.97 -10.42 -0.54
C TRP A 85 16.55 -10.58 -1.04
N ARG A 86 15.59 -9.92 -0.36
CA ARG A 86 14.20 -9.96 -0.76
C ARG A 86 13.59 -8.56 -0.67
N TRP A 87 12.78 -8.20 -1.66
CA TRP A 87 12.07 -6.91 -1.64
C TRP A 87 10.92 -6.96 -0.63
N VAL A 88 10.45 -5.77 -0.24
CA VAL A 88 9.46 -5.72 0.83
C VAL A 88 8.14 -6.35 0.42
N ASP A 89 7.89 -6.53 -0.87
CA ASP A 89 6.68 -7.19 -1.34
C ASP A 89 6.83 -8.71 -1.38
N GLY A 90 7.95 -9.22 -0.87
CA GLY A 90 8.21 -10.65 -0.86
C GLY A 90 8.93 -11.20 -2.08
N THR A 91 9.16 -10.39 -3.11
CA THR A 91 9.80 -10.94 -4.31
C THR A 91 11.31 -11.07 -4.13
N PRO A 92 11.95 -12.09 -4.69
CA PRO A 92 13.39 -12.24 -4.53
C PRO A 92 14.14 -11.23 -5.39
N LEU A 93 15.33 -10.87 -4.94
CA LEU A 93 16.18 -10.00 -5.73
C LEU A 93 16.58 -10.70 -7.02
N THR A 94 16.40 -10.02 -8.15
CA THR A 94 16.90 -10.49 -9.43
C THR A 94 17.91 -9.48 -9.96
N GLU A 95 17.48 -8.54 -10.81
CA GLU A 95 18.41 -7.54 -11.32
C GLU A 95 18.82 -6.59 -10.20
N SER A 96 20.11 -6.32 -10.09
CA SER A 96 20.66 -5.57 -8.97
C SER A 96 21.54 -4.41 -9.46
N TYR A 97 21.73 -3.43 -8.57
CA TYR A 97 22.50 -2.22 -8.89
C TYR A 97 23.38 -1.83 -7.71
N TRP A 98 24.06 -2.83 -7.13
CA TRP A 98 24.98 -2.61 -6.03
C TRP A 98 26.11 -1.67 -6.43
N SER A 99 26.50 -0.78 -5.52
N SER A 99 26.50 -0.80 -5.50
CA SER A 99 27.69 0.03 -5.79
CA SER A 99 27.70 0.00 -5.68
C SER A 99 28.93 -0.86 -5.68
C SER A 99 28.93 -0.91 -5.72
N LEU A 100 30.03 -0.37 -6.26
CA LEU A 100 31.26 -1.15 -6.34
C LEU A 100 31.71 -1.62 -4.94
N GLY A 101 31.94 -2.91 -4.82
CA GLY A 101 32.37 -3.50 -3.56
C GLY A 101 31.25 -3.87 -2.59
N GLU A 102 29.99 -3.65 -2.96
CA GLU A 102 28.86 -3.94 -2.10
C GLU A 102 28.05 -5.13 -2.65
N PRO A 103 27.29 -5.82 -1.78
CA PRO A 103 27.15 -5.61 -0.33
C PRO A 103 28.33 -6.20 0.39
N ASN A 104 28.69 -5.70 1.58
CA ASN A 104 29.95 -6.11 2.19
C ASN A 104 29.97 -6.34 3.70
N ASN A 105 28.86 -6.16 4.44
CA ASN A 105 28.93 -6.29 5.91
C ASN A 105 30.16 -5.57 6.45
N TYR A 106 30.21 -4.27 6.15
CA TYR A 106 31.40 -3.46 6.32
C TYR A 106 31.99 -3.61 7.72
N GLU A 107 33.30 -3.86 7.78
CA GLU A 107 34.03 -3.99 9.05
C GLU A 107 33.44 -5.07 9.95
N GLY A 108 32.80 -6.07 9.37
CA GLY A 108 32.25 -7.17 10.13
C GLY A 108 30.92 -6.89 10.81
N ARG A 109 30.32 -5.74 10.59
CA ARG A 109 29.07 -5.49 11.28
C ARG A 109 27.91 -5.94 10.40
N GLN A 110 26.79 -6.22 11.05
CA GLN A 110 25.62 -6.71 10.35
C GLN A 110 24.94 -5.60 9.57
N GLU A 111 24.98 -5.69 8.25
CA GLU A 111 24.37 -4.67 7.38
C GLU A 111 23.26 -5.35 6.59
N GLN A 112 22.05 -5.35 7.15
CA GLN A 112 20.96 -6.12 6.58
C GLN A 112 20.00 -5.29 5.75
N CYS A 113 20.13 -3.95 5.72
CA CYS A 113 19.17 -3.10 5.02
C CYS A 113 19.85 -2.35 3.88
N VAL A 114 19.10 -1.99 2.84
CA VAL A 114 19.71 -1.47 1.62
C VAL A 114 19.35 0.00 1.45
N GLU A 115 20.37 0.83 1.24
CA GLU A 115 20.21 2.23 0.86
C GLU A 115 20.74 2.43 -0.56
N GLN A 116 20.21 3.44 -1.23
CA GLN A 116 20.85 3.98 -2.41
C GLN A 116 21.82 5.02 -1.91
N ILE A 117 23.11 4.85 -2.18
CA ILE A 117 24.06 5.80 -1.63
C ILE A 117 24.42 6.79 -2.73
N ASP A 118 24.60 8.06 -2.35
CA ASP A 118 25.02 9.10 -3.28
C ASP A 118 26.25 9.79 -2.71
N ARG A 119 27.42 9.43 -3.23
CA ARG A 119 28.68 10.04 -2.83
C ARG A 119 29.50 10.26 -4.10
N GLU A 120 30.55 11.08 -3.99
CA GLU A 120 31.18 11.66 -5.17
C GLU A 120 31.65 10.59 -6.16
N ASP A 121 32.34 9.56 -5.68
CA ASP A 121 32.91 8.55 -6.57
C ASP A 121 32.12 7.26 -6.61
N LYS A 122 31.03 7.15 -5.85
CA LYS A 122 30.38 5.88 -5.58
C LYS A 122 28.87 6.07 -5.58
N LYS A 123 28.16 5.40 -6.48
CA LYS A 123 26.71 5.48 -6.54
C LYS A 123 26.11 4.08 -6.68
N GLY A 124 24.94 3.89 -6.10
CA GLY A 124 24.25 2.63 -6.25
C GLY A 124 23.89 2.07 -4.89
N TRP A 125 23.50 0.80 -4.85
CA TRP A 125 22.99 0.28 -3.59
C TRP A 125 24.13 -0.05 -2.62
N ASN A 126 23.85 0.09 -1.32
CA ASN A 126 24.79 -0.30 -0.29
C ASN A 126 24.02 -1.00 0.82
N ASP A 127 24.56 -2.11 1.34
CA ASP A 127 24.02 -2.65 2.58
C ASP A 127 24.53 -1.84 3.77
N LEU A 128 23.64 -1.58 4.72
CA LEU A 128 23.96 -0.71 5.85
C LEU A 128 23.25 -1.22 7.09
N VAL A 129 23.81 -0.88 8.26
CA VAL A 129 23.14 -1.21 9.52
C VAL A 129 21.73 -0.63 9.54
N CYS A 130 20.74 -1.49 9.87
CA CYS A 130 19.33 -1.09 9.74
C CYS A 130 18.97 0.03 10.69
N GLU A 131 19.65 0.09 11.83
CA GLU A 131 19.39 1.10 12.85
C GLU A 131 19.98 2.46 12.54
N PHE A 132 20.75 2.60 11.46
CA PHE A 132 21.23 3.90 11.03
C PHE A 132 20.07 4.64 10.37
N SER A 133 20.21 5.96 10.24
CA SER A 133 19.13 6.77 9.71
C SER A 133 19.45 7.35 8.34
N ASN A 134 18.42 7.43 7.50
CA ASN A 134 18.54 8.01 6.16
C ASN A 134 17.19 8.62 5.83
N PHE A 135 17.18 9.56 4.90
CA PHE A 135 15.91 9.82 4.22
C PHE A 135 15.43 8.55 3.55
N TYR A 136 14.14 8.50 3.21
CA TYR A 136 13.63 7.27 2.62
C TYR A 136 12.67 7.61 1.49
N MET A 137 12.51 6.65 0.58
CA MET A 137 11.59 6.78 -0.54
CA MET A 137 11.59 6.77 -0.54
C MET A 137 10.51 5.71 -0.44
N CYS A 138 9.24 6.14 -0.44
CA CYS A 138 8.11 5.21 -0.49
C CYS A 138 7.68 5.07 -1.94
N GLU A 139 7.10 3.93 -2.27
CA GLU A 139 6.52 3.74 -3.59
C GLU A 139 5.15 3.10 -3.42
N LYS A 140 4.17 3.62 -4.16
CA LYS A 140 2.82 3.07 -4.18
C LYS A 140 2.49 2.77 -5.64
N ARG A 141 2.48 1.49 -6.00
CA ARG A 141 2.13 1.08 -7.35
C ARG A 141 0.62 1.24 -7.49
N ILE A 142 0.20 2.21 -8.31
CA ILE A 142 -1.19 2.66 -8.36
C ILE A 142 -1.89 2.23 -9.65
N PHE A 143 -1.15 2.01 -10.74
CA PHE A 143 -1.73 1.67 -12.04
C PHE A 143 -1.33 0.25 -12.42
N PRO A 144 -2.22 -0.53 -13.04
CA PRO A 144 -1.90 -1.94 -13.35
C PRO A 144 -0.70 -2.12 -14.28
N PHE B 11 5.10 -14.22 17.01
CA PHE B 11 4.93 -15.17 15.92
C PHE B 11 5.10 -16.63 16.34
N ASP B 12 5.82 -16.87 17.43
CA ASP B 12 5.75 -18.22 18.00
C ASP B 12 4.47 -18.41 18.80
N LYS B 13 3.81 -17.33 19.19
CA LYS B 13 2.46 -17.47 19.73
C LYS B 13 1.47 -17.80 18.62
N LEU B 14 1.58 -17.11 17.47
CA LEU B 14 0.54 -17.17 16.44
C LEU B 14 0.71 -18.35 15.49
N ASP B 15 1.94 -18.83 15.29
CA ASP B 15 2.16 -19.84 14.25
C ASP B 15 1.36 -21.13 14.45
N PRO B 16 1.24 -21.71 15.66
CA PRO B 16 0.41 -22.91 15.78
C PRO B 16 -1.06 -22.66 15.47
N TYR B 17 -1.54 -21.43 15.70
CA TYR B 17 -2.91 -21.09 15.33
C TYR B 17 -3.04 -20.89 13.83
N PHE B 18 -2.11 -20.15 13.22
CA PHE B 18 -2.14 -20.00 11.76
C PHE B 18 -2.15 -21.37 11.08
N GLN B 19 -1.36 -22.30 11.61
CA GLN B 19 -1.32 -23.65 11.03
C GLN B 19 -2.66 -24.37 11.12
N GLN B 20 -3.56 -23.96 12.01
CA GLN B 20 -4.89 -24.56 12.07
C GLN B 20 -5.96 -23.68 11.43
N GLY B 21 -5.57 -22.62 10.72
CA GLY B 21 -6.51 -21.79 10.00
C GLY B 21 -7.04 -20.57 10.76
N TRP B 22 -6.54 -20.31 11.96
CA TRP B 22 -6.95 -19.10 12.66
C TRP B 22 -6.32 -17.89 12.00
N PHE B 23 -6.89 -16.71 12.28
CA PHE B 23 -6.28 -15.49 11.76
C PHE B 23 -6.43 -14.39 12.81
N HIS B 24 -5.64 -13.34 12.63
CA HIS B 24 -5.37 -12.35 13.67
C HIS B 24 -5.99 -11.00 13.33
N PHE B 25 -6.74 -10.44 14.27
CA PHE B 25 -7.33 -9.12 14.11
C PHE B 25 -7.32 -8.45 15.48
N GLN B 26 -6.66 -7.30 15.57
CA GLN B 26 -6.69 -6.46 16.78
C GLN B 26 -6.48 -7.26 18.06
N LYS B 27 -5.36 -7.97 18.14
CA LYS B 27 -4.89 -8.69 19.33
C LYS B 27 -5.73 -9.92 19.69
N SER B 28 -6.65 -10.35 18.84
CA SER B 28 -7.27 -11.66 18.98
C SER B 28 -6.98 -12.55 17.79
N LEU B 29 -7.09 -13.84 18.04
CA LEU B 29 -7.12 -14.86 17.00
C LEU B 29 -8.55 -15.34 16.85
N TYR B 30 -8.97 -15.56 15.61
CA TYR B 30 -10.33 -15.97 15.30
C TYR B 30 -10.29 -17.22 14.44
N TYR B 31 -11.34 -18.03 14.60
CA TYR B 31 -11.49 -19.29 13.88
C TYR B 31 -12.91 -19.31 13.35
N ILE B 32 -13.06 -19.59 12.06
CA ILE B 32 -14.37 -19.78 11.44
C ILE B 32 -14.54 -21.28 11.18
N SER B 33 -15.65 -21.86 11.65
CA SER B 33 -15.80 -23.30 11.55
C SER B 33 -16.01 -23.71 10.09
N SER B 34 -15.71 -24.98 9.81
CA SER B 34 -16.06 -25.55 8.52
CA SER B 34 -16.01 -25.60 8.53
C SER B 34 -17.29 -26.43 8.58
N VAL B 35 -17.88 -26.61 9.76
CA VAL B 35 -19.13 -27.34 9.93
C VAL B 35 -20.11 -26.44 10.70
N LYS B 36 -21.40 -26.74 10.57
CA LYS B 36 -22.41 -26.12 11.42
C LYS B 36 -22.62 -26.93 12.69
N ASN B 37 -23.10 -26.27 13.74
CA ASN B 37 -23.42 -27.04 14.93
C ASN B 37 -24.36 -26.22 15.81
N THR B 38 -24.85 -26.89 16.86
CA THR B 38 -25.68 -26.22 17.85
C THR B 38 -24.85 -25.18 18.58
N TRP B 39 -25.52 -24.24 19.24
CA TRP B 39 -24.72 -23.22 19.94
C TRP B 39 -23.82 -23.88 20.97
N HIS B 40 -24.35 -24.88 21.70
CA HIS B 40 -23.55 -25.48 22.77
C HIS B 40 -22.39 -26.31 22.23
N LEU B 41 -22.61 -27.05 21.13
CA LEU B 41 -21.52 -27.86 20.59
C LEU B 41 -20.52 -26.99 19.83
N SER B 42 -20.96 -25.88 19.24
CA SER B 42 -20.03 -24.88 18.72
C SER B 42 -19.13 -24.38 19.84
N ARG B 43 -19.74 -23.99 20.96
CA ARG B 43 -18.93 -23.46 22.03
C ARG B 43 -17.97 -24.52 22.54
N GLU B 44 -18.43 -25.78 22.59
CA GLU B 44 -17.59 -26.87 23.07
C GLU B 44 -16.32 -26.97 22.26
N TYR B 45 -16.43 -26.79 20.94
CA TYR B 45 -15.25 -26.83 20.10
C TYR B 45 -14.28 -25.71 20.48
N CYS B 46 -14.79 -24.47 20.54
CA CYS B 46 -13.94 -23.34 20.94
C CYS B 46 -13.27 -23.60 22.29
N LEU B 47 -14.04 -24.13 23.26
CA LEU B 47 -13.51 -24.36 24.60
C LEU B 47 -12.41 -25.41 24.58
N GLN B 48 -12.58 -26.45 23.75
CA GLN B 48 -11.55 -27.49 23.69
C GLN B 48 -10.26 -26.97 23.07
N GLU B 49 -10.32 -25.88 22.31
CA GLU B 49 -9.14 -25.22 21.79
C GLU B 49 -8.58 -24.18 22.77
N GLY B 50 -9.11 -24.13 23.99
CA GLY B 50 -8.67 -23.14 24.96
C GLY B 50 -9.18 -21.75 24.67
N ALA B 51 -10.27 -21.63 23.93
CA ALA B 51 -10.80 -20.33 23.53
C ALA B 51 -12.28 -20.32 23.93
N ASP B 52 -13.06 -19.48 23.24
CA ASP B 52 -14.51 -19.46 23.47
C ASP B 52 -15.16 -18.86 22.24
N LEU B 53 -16.49 -18.79 22.24
CA LEU B 53 -17.16 -18.17 21.10
C LEU B 53 -16.83 -16.68 21.08
N ALA B 54 -16.98 -16.06 19.90
CA ALA B 54 -16.50 -14.68 19.73
C ALA B 54 -17.24 -13.71 20.65
N ILE B 55 -16.51 -12.75 21.20
CA ILE B 55 -17.10 -11.69 22.02
C ILE B 55 -16.90 -10.35 21.32
N ILE B 56 -17.98 -9.64 21.06
CA ILE B 56 -17.89 -8.41 20.28
C ILE B 56 -17.74 -7.23 21.25
N ASN B 57 -16.55 -6.61 21.24
CA ASN B 57 -16.17 -5.56 22.19
C ASN B 57 -16.18 -4.16 21.60
N SER B 58 -16.38 -4.01 20.30
CA SER B 58 -16.25 -2.69 19.69
C SER B 58 -16.98 -2.68 18.38
N ARG B 59 -17.29 -1.46 17.91
CA ARG B 59 -17.94 -1.30 16.61
C ARG B 59 -17.05 -1.87 15.51
N ALA B 60 -15.74 -1.68 15.63
CA ALA B 60 -14.82 -2.19 14.62
C ALA B 60 -14.87 -3.71 14.57
N GLU B 61 -14.99 -4.35 15.74
CA GLU B 61 -15.06 -5.81 15.74
C GLU B 61 -16.37 -6.30 15.15
N GLN B 62 -17.48 -5.57 15.39
CA GLN B 62 -18.75 -5.93 14.77
C GLN B 62 -18.67 -5.77 13.25
N ALA B 63 -18.04 -4.69 12.78
CA ALA B 63 -17.88 -4.53 11.33
C ALA B 63 -17.06 -5.66 10.72
N PHE B 64 -16.02 -6.09 11.43
CA PHE B 64 -15.17 -7.20 11.00
C PHE B 64 -16.00 -8.49 10.91
N LEU B 65 -16.79 -8.77 11.95
CA LEU B 65 -17.68 -9.92 11.93
C LEU B 65 -18.62 -9.86 10.73
N GLU B 66 -19.25 -8.69 10.50
CA GLU B 66 -20.27 -8.58 9.46
C GLU B 66 -19.67 -8.77 8.07
N ASN B 67 -18.42 -8.36 7.89
CA ASN B 67 -17.83 -8.37 6.58
C ASN B 67 -17.50 -9.78 6.08
N PHE B 68 -17.57 -10.78 6.96
CA PHE B 68 -17.40 -12.13 6.45
C PHE B 68 -18.65 -12.63 5.75
N LYS B 69 -19.76 -11.87 5.79
CA LYS B 69 -20.95 -12.19 5.01
C LYS B 69 -21.44 -13.61 5.32
N MET B 70 -21.49 -13.93 6.61
CA MET B 70 -21.67 -15.29 7.09
C MET B 70 -22.59 -15.30 8.31
N THR B 71 -23.59 -16.17 8.32
CA THR B 71 -24.38 -16.32 9.53
C THR B 71 -23.60 -17.16 10.54
N LEU B 72 -23.37 -16.62 11.74
CA LEU B 72 -22.44 -17.21 12.68
C LEU B 72 -22.98 -17.16 14.10
N TRP B 73 -22.86 -18.27 14.83
CA TRP B 73 -23.03 -18.21 16.28
C TRP B 73 -21.93 -17.33 16.89
N ILE B 74 -22.28 -16.50 17.87
CA ILE B 74 -21.31 -15.73 18.63
C ILE B 74 -21.57 -15.97 20.12
N GLY B 75 -20.67 -15.46 20.96
CA GLY B 75 -20.63 -15.85 22.36
C GLY B 75 -21.52 -15.03 23.27
N LEU B 76 -22.78 -14.86 22.91
CA LEU B 76 -23.74 -14.11 23.71
C LEU B 76 -24.92 -15.02 24.01
N MET B 77 -25.34 -15.09 25.28
CA MET B 77 -26.42 -16.00 25.68
C MET B 77 -27.32 -15.32 26.71
N GLU B 78 -28.59 -15.68 26.66
CA GLU B 78 -29.55 -15.16 27.63
C GLU B 78 -29.28 -15.70 29.02
N GLN B 79 -29.56 -14.88 30.04
CA GLN B 79 -29.57 -15.31 31.43
C GLN B 79 -30.95 -15.88 31.70
N ARG B 80 -31.04 -17.21 31.69
CA ARG B 80 -32.28 -17.96 31.89
C ARG B 80 -33.33 -17.45 30.89
N SER B 81 -34.53 -17.07 31.34
CA SER B 81 -35.54 -16.49 30.46
C SER B 81 -35.71 -14.98 30.67
N GLU B 82 -34.73 -14.35 31.32
CA GLU B 82 -34.86 -12.97 31.80
C GLU B 82 -34.69 -11.91 30.71
N ARG B 83 -34.36 -12.28 29.47
CA ARG B 83 -34.17 -11.32 28.40
C ARG B 83 -33.09 -10.31 28.77
N THR B 84 -32.13 -10.75 29.56
CA THR B 84 -30.89 -10.03 29.76
C THR B 84 -29.78 -10.96 29.27
N TRP B 85 -28.64 -10.37 28.94
CA TRP B 85 -27.66 -11.06 28.12
C TRP B 85 -26.26 -10.94 28.74
N ARG B 86 -25.50 -12.02 28.61
CA ARG B 86 -24.15 -12.13 29.15
C ARG B 86 -23.23 -12.73 28.10
N TRP B 87 -22.03 -12.17 27.96
CA TRP B 87 -21.05 -12.78 27.07
C TRP B 87 -20.47 -14.04 27.72
N VAL B 88 -19.87 -14.90 26.89
CA VAL B 88 -19.38 -16.19 27.40
C VAL B 88 -18.28 -16.03 28.43
N ASP B 89 -17.62 -14.87 28.51
CA ASP B 89 -16.61 -14.67 29.55
C ASP B 89 -17.23 -14.14 30.84
N GLY B 90 -18.56 -14.07 30.90
CA GLY B 90 -19.26 -13.59 32.07
C GLY B 90 -19.60 -12.12 32.07
N THR B 91 -19.07 -11.33 31.13
CA THR B 91 -19.33 -9.90 31.18
CA THR B 91 -19.32 -9.90 31.16
C THR B 91 -20.76 -9.60 30.71
N PRO B 92 -21.43 -8.65 31.35
CA PRO B 92 -22.79 -8.32 30.93
C PRO B 92 -22.76 -7.59 29.62
N LEU B 93 -23.87 -7.71 28.87
CA LEU B 93 -23.98 -7.00 27.61
C LEU B 93 -24.03 -5.50 27.86
N THR B 94 -23.22 -4.74 27.13
CA THR B 94 -23.38 -3.30 27.14
C THR B 94 -23.74 -2.84 25.73
N GLU B 95 -22.73 -2.49 24.93
CA GLU B 95 -22.97 -2.04 23.57
C GLU B 95 -23.48 -3.22 22.74
N SER B 96 -24.52 -2.99 21.94
CA SER B 96 -25.19 -4.09 21.27
C SER B 96 -25.42 -3.73 19.80
N TYR B 97 -25.60 -4.78 18.98
CA TYR B 97 -25.81 -4.61 17.55
C TYR B 97 -26.92 -5.52 17.06
N TRP B 98 -28.04 -5.54 17.80
CA TRP B 98 -29.19 -6.34 17.41
C TRP B 98 -29.74 -5.88 16.08
N SER B 99 -30.13 -6.87 15.26
CA SER B 99 -30.85 -6.52 14.05
CA SER B 99 -30.89 -6.61 14.05
C SER B 99 -32.25 -6.02 14.41
N LEU B 100 -32.83 -5.28 13.48
CA LEU B 100 -34.09 -4.60 13.78
C LEU B 100 -35.15 -5.60 14.17
N GLY B 101 -35.83 -5.33 15.29
CA GLY B 101 -36.84 -6.22 15.81
C GLY B 101 -36.32 -7.29 16.75
N GLU B 102 -35.01 -7.38 16.93
CA GLU B 102 -34.46 -8.43 17.79
C GLU B 102 -33.95 -7.81 19.08
N PRO B 103 -33.86 -8.59 20.16
CA PRO B 103 -34.23 -10.01 20.28
C PRO B 103 -35.73 -10.14 20.46
N ASN B 104 -36.32 -11.26 20.05
CA ASN B 104 -37.78 -11.33 20.04
C ASN B 104 -38.43 -12.63 20.49
N ASN B 105 -37.70 -13.70 20.84
CA ASN B 105 -38.34 -14.99 21.16
C ASN B 105 -39.40 -15.32 20.10
N TYR B 106 -38.96 -15.30 18.85
CA TYR B 106 -39.80 -15.41 17.66
C TYR B 106 -40.91 -16.46 17.81
N GLU B 107 -42.15 -16.03 17.53
CA GLU B 107 -43.31 -16.94 17.56
C GLU B 107 -43.52 -17.61 18.93
N GLY B 108 -43.05 -16.99 20.00
CA GLY B 108 -43.27 -17.52 21.32
C GLY B 108 -42.31 -18.60 21.73
N ARG B 109 -41.32 -18.91 20.90
CA ARG B 109 -40.38 -19.98 21.17
C ARG B 109 -39.17 -19.39 21.88
N GLN B 110 -38.58 -20.19 22.76
CA GLN B 110 -37.40 -19.79 23.52
C GLN B 110 -36.18 -19.67 22.62
N GLU B 111 -35.60 -18.48 22.58
CA GLU B 111 -34.43 -18.20 21.75
C GLU B 111 -33.36 -17.60 22.66
N GLN B 112 -32.50 -18.45 23.25
CA GLN B 112 -31.57 -18.00 24.28
C GLN B 112 -30.16 -17.77 23.76
N CYS B 113 -29.86 -18.12 22.50
CA CYS B 113 -28.50 -18.03 21.98
C CYS B 113 -28.45 -17.02 20.84
N VAL B 114 -27.30 -16.38 20.63
CA VAL B 114 -27.23 -15.26 19.69
C VAL B 114 -26.41 -15.64 18.47
N GLU B 115 -26.98 -15.40 17.28
CA GLU B 115 -26.24 -15.49 16.02
C GLU B 115 -26.08 -14.09 15.43
N GLN B 116 -25.02 -13.91 14.64
CA GLN B 116 -24.96 -12.81 13.70
C GLN B 116 -25.64 -13.29 12.42
N ILE B 117 -26.76 -12.64 12.00
CA ILE B 117 -27.43 -13.06 10.77
C ILE B 117 -26.87 -12.28 9.61
N ASP B 118 -26.76 -12.95 8.48
CA ASP B 118 -26.35 -12.29 7.26
C ASP B 118 -27.38 -12.66 6.21
N ARG B 119 -28.37 -11.80 6.07
CA ARG B 119 -29.41 -11.95 5.08
C ARG B 119 -29.35 -10.70 4.23
N GLU B 120 -29.73 -10.83 2.98
CA GLU B 120 -30.03 -9.61 2.28
C GLU B 120 -31.26 -9.04 2.97
N ASP B 121 -31.22 -7.75 3.30
CA ASP B 121 -32.28 -7.00 3.98
C ASP B 121 -32.15 -7.01 5.51
N LYS B 122 -31.49 -8.02 6.10
CA LYS B 122 -31.37 -8.11 7.56
C LYS B 122 -29.97 -8.56 7.94
N LYS B 123 -29.26 -7.74 8.71
CA LYS B 123 -27.96 -8.09 9.25
C LYS B 123 -27.90 -7.66 10.71
N GLY B 124 -27.12 -8.40 11.50
CA GLY B 124 -26.87 -8.02 12.87
C GLY B 124 -27.26 -9.16 13.79
N TRP B 125 -27.35 -8.91 15.08
CA TRP B 125 -27.54 -10.04 15.98
C TRP B 125 -28.99 -10.45 16.01
N ASN B 126 -29.20 -11.75 16.24
CA ASN B 126 -30.53 -12.32 16.34
C ASN B 126 -30.53 -13.36 17.44
N ASP B 127 -31.54 -13.36 18.33
CA ASP B 127 -31.67 -14.49 19.23
C ASP B 127 -32.31 -15.65 18.48
N LEU B 128 -31.80 -16.86 18.71
CA LEU B 128 -32.27 -18.05 17.99
C LEU B 128 -32.31 -19.24 18.94
N VAL B 129 -33.17 -20.21 18.59
CA VAL B 129 -33.17 -21.49 19.31
C VAL B 129 -31.77 -22.08 19.36
N CYS B 130 -31.29 -22.37 20.57
CA CYS B 130 -29.90 -22.80 20.77
C CYS B 130 -29.60 -24.11 20.06
N GLU B 131 -30.63 -24.96 19.89
CA GLU B 131 -30.47 -26.27 19.26
C GLU B 131 -30.45 -26.22 17.74
N PHE B 132 -30.72 -25.06 17.13
CA PHE B 132 -30.54 -24.89 15.69
C PHE B 132 -29.04 -24.86 15.40
N SER B 133 -28.68 -25.04 14.14
CA SER B 133 -27.28 -25.12 13.78
C SER B 133 -26.84 -23.95 12.90
N ASN B 134 -25.58 -23.54 13.11
CA ASN B 134 -24.94 -22.48 12.34
C ASN B 134 -23.45 -22.76 12.29
N PHE B 135 -22.78 -22.17 11.29
CA PHE B 135 -21.34 -21.99 11.43
C PHE B 135 -21.06 -21.16 12.69
N TYR B 136 -19.82 -21.22 13.19
CA TYR B 136 -19.51 -20.50 14.41
C TYR B 136 -18.13 -19.88 14.31
N MET B 137 -17.92 -18.85 15.13
CA MET B 137 -16.64 -18.16 15.21
CA MET B 137 -16.64 -18.16 15.21
C MET B 137 -16.11 -18.24 16.63
N CYS B 138 -14.87 -18.76 16.79
CA CYS B 138 -14.16 -18.76 18.05
C CYS B 138 -13.27 -17.52 18.13
N GLU B 139 -13.00 -17.06 19.34
CA GLU B 139 -12.04 -15.97 19.51
C GLU B 139 -11.14 -16.28 20.70
N LYS B 140 -9.84 -16.02 20.54
CA LYS B 140 -8.88 -16.23 21.60
C LYS B 140 -8.09 -14.94 21.73
N ARG B 141 -8.16 -14.28 22.90
CA ARG B 141 -7.32 -13.11 23.09
C ARG B 141 -5.88 -13.59 23.23
N ILE B 142 -4.99 -13.06 22.41
CA ILE B 142 -3.65 -13.60 22.42
C ILE B 142 -2.68 -12.67 23.13
N PHE B 143 -2.94 -11.38 23.08
CA PHE B 143 -2.07 -10.34 23.61
C PHE B 143 -2.75 -9.55 24.71
N PRO B 144 -2.00 -8.80 25.52
CA PRO B 144 -2.60 -7.96 26.57
C PRO B 144 -3.13 -6.61 26.07
N PHE C 11 -1.60 10.20 -20.93
CA PHE C 11 -0.91 9.35 -19.97
C PHE C 11 -0.11 8.25 -20.68
N ASP C 12 -0.63 7.77 -21.81
CA ASP C 12 0.18 6.91 -22.69
C ASP C 12 1.33 7.70 -23.29
N LYS C 13 1.12 9.00 -23.47
CA LYS C 13 2.13 9.92 -24.01
C LYS C 13 3.31 10.12 -23.07
N LEU C 14 3.17 9.79 -21.78
CA LEU C 14 4.22 10.08 -20.81
C LEU C 14 5.35 9.06 -20.84
N ASP C 15 5.14 7.87 -21.41
CA ASP C 15 6.12 6.81 -21.34
C ASP C 15 7.49 7.20 -21.89
N PRO C 16 7.62 7.85 -23.06
CA PRO C 16 8.97 8.23 -23.52
C PRO C 16 9.66 9.22 -22.60
N TYR C 17 8.89 10.07 -21.93
CA TYR C 17 9.45 10.98 -20.92
C TYR C 17 9.95 10.22 -19.71
N PHE C 18 9.15 9.27 -19.19
CA PHE C 18 9.62 8.47 -18.06
C PHE C 18 10.90 7.73 -18.42
N GLN C 19 10.98 7.22 -19.65
CA GLN C 19 12.17 6.50 -20.07
C GLN C 19 13.40 7.39 -20.05
N GLN C 20 13.22 8.70 -20.24
CA GLN C 20 14.32 9.66 -20.14
C GLN C 20 14.49 10.25 -18.74
N GLY C 21 13.68 9.83 -17.78
CA GLY C 21 13.85 10.23 -16.40
C GLY C 21 13.03 11.42 -15.96
N TRP C 22 12.11 11.89 -16.80
CA TRP C 22 11.14 12.90 -16.38
C TRP C 22 10.12 12.27 -15.44
N PHE C 23 9.48 13.10 -14.62
CA PHE C 23 8.43 12.60 -13.72
C PHE C 23 7.32 13.63 -13.61
N HIS C 24 6.16 13.17 -13.15
CA HIS C 24 4.90 13.90 -13.27
C HIS C 24 4.41 14.37 -11.92
N PHE C 25 4.11 15.67 -11.82
CA PHE C 25 3.48 16.23 -10.62
C PHE C 25 2.47 17.28 -11.09
N GLN C 26 1.22 17.11 -10.69
CA GLN C 26 0.16 18.10 -10.91
C GLN C 26 0.17 18.65 -12.33
N LYS C 27 0.07 17.75 -13.30
CA LYS C 27 -0.18 18.10 -14.70
C LYS C 27 1.06 18.63 -15.42
N SER C 28 2.22 18.65 -14.77
CA SER C 28 3.48 18.95 -15.45
C SER C 28 4.44 17.78 -15.37
N LEU C 29 5.33 17.71 -16.37
CA LEU C 29 6.48 16.81 -16.34
C LEU C 29 7.72 17.62 -15.95
N TYR C 30 8.56 17.03 -15.10
CA TYR C 30 9.73 17.71 -14.58
C TYR C 30 10.98 16.89 -14.88
N TYR C 31 12.09 17.60 -15.06
CA TYR C 31 13.36 16.98 -15.34
C TYR C 31 14.41 17.61 -14.45
N ILE C 32 15.16 16.78 -13.74
CA ILE C 32 16.28 17.26 -12.95
C ILE C 32 17.55 16.91 -13.69
N SER C 33 18.42 17.91 -13.92
CA SER C 33 19.62 17.68 -14.71
C SER C 33 20.60 16.79 -13.94
N SER C 34 21.51 16.16 -14.69
CA SER C 34 22.60 15.41 -14.07
CA SER C 34 22.62 15.38 -14.15
C SER C 34 23.94 16.12 -14.23
N VAL C 35 23.93 17.32 -14.80
CA VAL C 35 25.10 18.18 -14.92
C VAL C 35 24.69 19.57 -14.42
N LYS C 36 25.69 20.34 -14.04
CA LYS C 36 25.43 21.73 -13.71
C LYS C 36 25.66 22.61 -14.93
N ASN C 37 25.08 23.80 -14.90
CA ASN C 37 25.32 24.71 -16.00
C ASN C 37 24.93 26.12 -15.58
N THR C 38 25.29 27.08 -16.44
CA THR C 38 24.87 28.46 -16.22
C THR C 38 23.35 28.55 -16.36
N TRP C 39 22.78 29.66 -15.87
CA TRP C 39 21.33 29.78 -15.97
C TRP C 39 20.89 29.70 -17.43
N HIS C 40 21.59 30.41 -18.31
CA HIS C 40 21.15 30.49 -19.72
C HIS C 40 21.34 29.16 -20.45
N LEU C 41 22.45 28.47 -20.20
CA LEU C 41 22.65 27.17 -20.83
C LEU C 41 21.74 26.11 -20.22
N SER C 42 21.43 26.22 -18.92
CA SER C 42 20.39 25.36 -18.36
C SER C 42 19.10 25.57 -19.10
N ARG C 43 18.72 26.83 -19.28
CA ARG C 43 17.45 27.12 -19.96
C ARG C 43 17.50 26.58 -21.38
N GLU C 44 18.65 26.69 -22.05
CA GLU C 44 18.75 26.23 -23.44
C GLU C 44 18.47 24.74 -23.54
N TYR C 45 18.96 23.94 -22.58
CA TYR C 45 18.63 22.52 -22.54
C TYR C 45 17.13 22.32 -22.46
N CYS C 46 16.47 23.02 -21.52
CA CYS C 46 15.03 22.82 -21.35
C CYS C 46 14.29 23.20 -22.63
N LEU C 47 14.71 24.29 -23.28
CA LEU C 47 14.05 24.74 -24.51
C LEU C 47 14.22 23.72 -25.61
N GLN C 48 15.41 23.14 -25.70
CA GLN C 48 15.69 22.11 -26.71
C GLN C 48 14.75 20.93 -26.54
N GLU C 49 14.31 20.66 -25.32
CA GLU C 49 13.41 19.56 -25.04
C GLU C 49 11.95 19.95 -25.14
N GLY C 50 11.65 21.13 -25.68
CA GLY C 50 10.27 21.58 -25.76
C GLY C 50 9.69 22.02 -24.43
N ALA C 51 10.55 22.43 -23.49
CA ALA C 51 10.14 22.76 -22.14
C ALA C 51 10.75 24.12 -21.83
N ASP C 52 10.87 24.43 -20.53
CA ASP C 52 11.55 25.63 -20.09
C ASP C 52 11.98 25.36 -18.65
N LEU C 53 12.73 26.30 -18.07
CA LEU C 53 13.02 26.15 -16.65
C LEU C 53 11.73 26.17 -15.83
N ALA C 54 11.78 25.53 -14.67
CA ALA C 54 10.58 25.35 -13.84
C ALA C 54 9.98 26.69 -13.39
N ILE C 55 8.65 26.77 -13.42
CA ILE C 55 7.90 27.95 -12.98
C ILE C 55 7.08 27.58 -11.76
N ILE C 56 7.25 28.31 -10.66
CA ILE C 56 6.62 27.92 -9.41
C ILE C 56 5.31 28.70 -9.28
N ASN C 57 4.20 27.98 -9.42
CA ASN C 57 2.86 28.59 -9.51
C ASN C 57 2.03 28.45 -8.26
N SER C 58 2.49 27.70 -7.26
CA SER C 58 1.68 27.45 -6.08
C SER C 58 2.59 27.08 -4.91
N ARG C 59 2.03 27.21 -3.70
CA ARG C 59 2.78 26.76 -2.53
C ARG C 59 3.09 25.27 -2.60
N ALA C 60 2.14 24.46 -3.09
CA ALA C 60 2.41 23.04 -3.21
C ALA C 60 3.56 22.77 -4.17
N GLU C 61 3.69 23.58 -5.22
CA GLU C 61 4.77 23.32 -6.17
C GLU C 61 6.09 23.74 -5.55
N GLN C 62 6.08 24.79 -4.73
CA GLN C 62 7.29 25.19 -4.04
C GLN C 62 7.71 24.10 -3.05
N ALA C 63 6.75 23.53 -2.32
CA ALA C 63 7.08 22.45 -1.39
C ALA C 63 7.64 21.24 -2.12
N PHE C 64 7.09 20.91 -3.29
CA PHE C 64 7.62 19.83 -4.11
C PHE C 64 9.06 20.13 -4.50
N LEU C 65 9.32 21.35 -4.96
CA LEU C 65 10.67 21.76 -5.32
C LEU C 65 11.61 21.62 -4.13
N GLU C 66 11.19 22.12 -2.98
CA GLU C 66 12.07 22.14 -1.81
C GLU C 66 12.40 20.75 -1.33
N ASN C 67 11.48 19.81 -1.51
CA ASN C 67 11.66 18.50 -0.93
C ASN C 67 12.71 17.68 -1.67
N PHE C 68 13.19 18.16 -2.81
CA PHE C 68 14.27 17.45 -3.46
C PHE C 68 15.62 17.75 -2.81
N LYS C 69 15.66 18.71 -1.87
CA LYS C 69 16.86 18.94 -1.06
C LYS C 69 18.07 19.24 -1.96
N MET C 70 17.84 20.08 -2.97
CA MET C 70 18.78 20.22 -4.06
C MET C 70 18.84 21.68 -4.47
N THR C 71 20.03 22.23 -4.63
CA THR C 71 20.13 23.58 -5.16
C THR C 71 19.91 23.54 -6.68
N LEU C 72 18.97 24.34 -7.18
CA LEU C 72 18.50 24.22 -8.55
C LEU C 72 18.22 25.58 -9.16
N TRP C 73 18.68 25.82 -10.38
CA TRP C 73 18.18 26.97 -11.14
C TRP C 73 16.70 26.77 -11.44
N ILE C 74 15.92 27.84 -11.30
CA ILE C 74 14.52 27.82 -11.71
C ILE C 74 14.26 28.99 -12.66
N GLY C 75 13.05 28.98 -13.24
CA GLY C 75 12.78 29.86 -14.36
C GLY C 75 12.33 31.27 -14.01
N LEU C 76 13.07 31.95 -13.14
CA LEU C 76 12.70 33.30 -12.72
C LEU C 76 13.93 34.17 -12.96
N MET C 77 13.74 35.34 -13.58
CA MET C 77 14.86 36.19 -13.94
C MET C 77 14.46 37.64 -13.74
N GLU C 78 15.44 38.44 -13.36
CA GLU C 78 15.22 39.86 -13.14
C GLU C 78 14.91 40.56 -14.46
N GLN C 79 14.09 41.62 -14.40
CA GLN C 79 13.87 42.45 -15.57
C GLN C 79 14.96 43.52 -15.57
N ARG C 80 15.97 43.35 -16.43
CA ARG C 80 17.16 44.22 -16.48
C ARG C 80 17.72 44.34 -15.07
N SER C 81 17.93 45.55 -14.54
CA SER C 81 18.41 45.74 -13.18
C SER C 81 17.33 46.30 -12.25
N GLU C 82 16.05 46.14 -12.63
CA GLU C 82 14.95 46.81 -11.95
C GLU C 82 14.54 46.18 -10.64
N ARG C 83 15.12 45.03 -10.27
CA ARG C 83 14.72 44.31 -9.06
C ARG C 83 13.23 44.00 -9.09
N THR C 84 12.72 43.76 -10.29
CA THR C 84 11.42 43.16 -10.46
C THR C 84 11.68 41.87 -11.24
N TRP C 85 10.73 40.95 -11.21
CA TRP C 85 11.04 39.58 -11.59
C TRP C 85 9.96 39.04 -12.51
N ARG C 86 10.37 38.20 -13.46
CA ARG C 86 9.44 37.67 -14.44
C ARG C 86 9.79 36.21 -14.69
N TRP C 87 8.77 35.35 -14.70
CA TRP C 87 8.98 33.95 -15.06
C TRP C 87 9.29 33.80 -16.54
N VAL C 88 9.86 32.64 -16.90
CA VAL C 88 10.33 32.44 -18.26
C VAL C 88 9.18 32.41 -19.27
N ASP C 89 7.95 32.16 -18.83
CA ASP C 89 6.79 32.24 -19.73
C ASP C 89 6.26 33.65 -19.85
N GLY C 90 6.95 34.61 -19.26
CA GLY C 90 6.55 36.01 -19.35
C GLY C 90 5.62 36.49 -18.26
N THR C 91 5.19 35.62 -17.34
CA THR C 91 4.27 36.10 -16.32
C THR C 91 5.04 36.82 -15.20
N PRO C 92 4.46 37.87 -14.62
CA PRO C 92 5.16 38.60 -13.56
C PRO C 92 5.16 37.79 -12.28
N LEU C 93 6.18 38.03 -11.48
CA LEU C 93 6.22 37.39 -10.18
C LEU C 93 5.06 37.88 -9.32
N THR C 94 4.29 36.95 -8.75
CA THR C 94 3.35 37.34 -7.72
C THR C 94 3.76 36.71 -6.39
N GLU C 95 3.30 35.50 -6.11
CA GLU C 95 3.66 34.86 -4.85
C GLU C 95 5.12 34.42 -4.91
N SER C 96 5.85 34.68 -3.84
CA SER C 96 7.29 34.48 -3.85
C SER C 96 7.71 33.67 -2.63
N TYR C 97 8.87 33.03 -2.74
CA TYR C 97 9.41 32.17 -1.68
C TYR C 97 10.89 32.45 -1.47
N TRP C 98 11.25 33.73 -1.44
CA TRP C 98 12.63 34.14 -1.21
C TRP C 98 13.13 33.66 0.13
N SER C 99 14.38 33.22 0.15
CA SER C 99 15.00 32.86 1.40
CA SER C 99 15.02 32.86 1.39
C SER C 99 15.34 34.13 2.17
N LEU C 100 15.59 33.97 3.46
CA LEU C 100 15.80 35.11 4.34
C LEU C 100 16.88 36.04 3.80
N GLY C 101 16.54 37.33 3.68
CA GLY C 101 17.47 38.33 3.21
C GLY C 101 17.61 38.41 1.71
N GLU C 102 16.88 37.59 0.95
CA GLU C 102 16.99 37.64 -0.49
C GLU C 102 15.77 38.31 -1.09
N PRO C 103 15.87 38.86 -2.32
CA PRO C 103 17.06 38.96 -3.18
C PRO C 103 17.91 40.14 -2.78
N ASN C 104 19.22 40.12 -3.05
CA ASN C 104 20.10 41.07 -2.40
C ASN C 104 21.26 41.62 -3.23
N ASN C 105 21.45 41.17 -4.47
CA ASN C 105 22.62 41.56 -5.28
C ASN C 105 23.87 41.54 -4.42
N TYR C 106 24.15 40.35 -3.88
CA TYR C 106 25.17 40.11 -2.87
C TYR C 106 26.48 40.85 -3.15
N GLU C 107 26.92 41.64 -2.17
CA GLU C 107 28.21 42.36 -2.23
C GLU C 107 28.29 43.29 -3.45
N GLY C 108 27.15 43.77 -3.93
CA GLY C 108 27.14 44.68 -5.04
C GLY C 108 27.25 44.04 -6.41
N ARG C 109 27.28 42.71 -6.49
CA ARG C 109 27.39 42.09 -7.80
C ARG C 109 26.00 41.89 -8.41
N GLN C 110 25.95 41.86 -9.74
CA GLN C 110 24.66 41.72 -10.43
C GLN C 110 24.19 40.28 -10.33
N GLU C 111 23.08 40.07 -9.64
CA GLU C 111 22.53 38.72 -9.43
C GLU C 111 21.14 38.71 -10.06
N GLN C 112 21.07 38.35 -11.34
CA GLN C 112 19.85 38.49 -12.10
C GLN C 112 19.05 37.19 -12.23
N CYS C 113 19.61 36.05 -11.82
CA CYS C 113 18.98 34.75 -12.04
C CYS C 113 18.64 34.10 -10.70
N VAL C 114 17.62 33.24 -10.68
CA VAL C 114 17.09 32.75 -9.40
C VAL C 114 17.35 31.25 -9.26
N GLU C 115 17.90 30.87 -8.10
CA GLU C 115 18.08 29.48 -7.73
C GLU C 115 17.23 29.20 -6.50
N GLN C 116 16.78 27.95 -6.38
CA GLN C 116 16.30 27.43 -5.10
C GLN C 116 17.53 26.94 -4.35
N ILE C 117 17.82 27.52 -3.20
CA ILE C 117 19.02 27.13 -2.46
C ILE C 117 18.61 26.12 -1.41
N ASP C 118 19.43 25.09 -1.23
CA ASP C 118 19.18 24.11 -0.18
C ASP C 118 20.45 24.03 0.66
N ARG C 119 20.39 24.63 1.84
CA ARG C 119 21.49 24.58 2.77
C ARG C 119 20.90 24.50 4.17
N GLU C 120 21.69 24.04 5.12
CA GLU C 120 21.23 24.07 6.49
C GLU C 120 21.11 25.53 6.92
N ASP C 121 19.96 25.89 7.49
CA ASP C 121 19.57 27.22 7.99
C ASP C 121 19.09 28.14 6.86
N LYS C 122 19.20 27.76 5.60
CA LYS C 122 18.97 28.67 4.46
C LYS C 122 18.29 27.85 3.36
N LYS C 123 16.97 28.03 3.19
CA LYS C 123 16.23 27.38 2.11
C LYS C 123 15.29 28.38 1.44
N GLY C 124 15.12 28.23 0.13
CA GLY C 124 14.22 29.08 -0.62
C GLY C 124 14.97 29.76 -1.76
N TRP C 125 14.35 30.77 -2.34
CA TRP C 125 14.93 31.32 -3.56
C TRP C 125 16.06 32.26 -3.22
N ASN C 126 17.02 32.36 -4.14
CA ASN C 126 18.12 33.27 -3.98
C ASN C 126 18.45 33.85 -5.36
N ASP C 127 18.68 35.16 -5.44
CA ASP C 127 19.27 35.69 -6.67
C ASP C 127 20.76 35.40 -6.71
N LEU C 128 21.23 34.98 -7.87
CA LEU C 128 22.63 34.57 -8.06
C LEU C 128 23.15 35.09 -9.38
N VAL C 129 24.46 35.28 -9.46
CA VAL C 129 25.12 35.58 -10.74
C VAL C 129 24.77 34.53 -11.79
N CYS C 130 24.25 34.98 -12.94
CA CYS C 130 23.69 34.04 -13.92
C CYS C 130 24.74 33.11 -14.49
N GLU C 131 25.98 33.57 -14.52
CA GLU C 131 27.08 32.79 -15.09
C GLU C 131 27.61 31.73 -14.13
N PHE C 132 27.13 31.70 -12.89
CA PHE C 132 27.47 30.61 -11.97
C PHE C 132 26.74 29.32 -12.41
N SER C 133 27.19 28.19 -11.91
CA SER C 133 26.61 26.91 -12.34
C SER C 133 25.85 26.20 -11.22
N ASN C 134 24.75 25.57 -11.61
CA ASN C 134 23.88 24.81 -10.71
C ASN C 134 23.25 23.67 -11.49
N PHE C 135 22.84 22.61 -10.80
CA PHE C 135 21.87 21.71 -11.40
C PHE C 135 20.62 22.52 -11.73
N TYR C 136 19.78 22.00 -12.63
CA TYR C 136 18.62 22.78 -13.04
C TYR C 136 17.42 21.86 -13.21
N MET C 137 16.22 22.45 -13.10
CA MET C 137 14.98 21.72 -13.24
CA MET C 137 15.01 21.68 -13.27
C MET C 137 14.18 22.26 -14.42
N CYS C 138 13.81 21.39 -15.34
CA CYS C 138 12.92 21.79 -16.42
C CYS C 138 11.49 21.42 -16.03
N GLU C 139 10.54 22.16 -16.59
CA GLU C 139 9.14 21.83 -16.45
C GLU C 139 8.46 21.97 -17.81
N LYS C 140 7.63 21.00 -18.14
CA LYS C 140 6.83 21.02 -19.36
C LYS C 140 5.38 20.77 -18.95
N ARG C 141 4.48 21.70 -19.31
CA ARG C 141 3.08 21.48 -19.00
C ARG C 141 2.53 20.44 -19.97
N ILE C 142 1.85 19.42 -19.47
CA ILE C 142 1.27 18.40 -20.33
C ILE C 142 -0.25 18.49 -20.34
N PHE C 143 -0.84 18.37 -19.24
CA PHE C 143 -2.30 18.36 -19.22
C PHE C 143 -2.84 19.77 -19.04
N PRO C 144 -4.04 20.05 -19.58
CA PRO C 144 -4.68 21.37 -19.47
C PRO C 144 -5.11 21.71 -18.04
N LYS D 10 7.26 -6.00 15.46
CA LYS D 10 6.07 -5.92 16.28
C LYS D 10 4.83 -5.71 15.40
N PHE D 11 3.66 -5.78 16.03
CA PHE D 11 2.39 -5.73 15.34
C PHE D 11 1.80 -4.32 15.30
N ASP D 12 2.54 -3.32 15.78
CA ASP D 12 2.02 -1.95 15.75
C ASP D 12 1.75 -1.49 14.33
N LYS D 13 2.61 -1.88 13.38
CA LYS D 13 2.43 -1.48 11.99
C LYS D 13 1.19 -2.08 11.35
N LEU D 14 0.58 -3.08 11.98
CA LEU D 14 -0.67 -3.63 11.46
C LEU D 14 -1.89 -2.78 11.82
N ASP D 15 -1.79 -2.00 12.89
CA ASP D 15 -2.97 -1.30 13.39
C ASP D 15 -3.64 -0.38 12.37
N PRO D 16 -2.91 0.38 11.53
CA PRO D 16 -3.62 1.20 10.52
C PRO D 16 -4.47 0.37 9.58
N TYR D 17 -4.06 -0.88 9.35
CA TYR D 17 -4.81 -1.74 8.46
C TYR D 17 -5.95 -2.41 9.20
N PHE D 18 -5.70 -2.87 10.44
CA PHE D 18 -6.79 -3.38 11.26
C PHE D 18 -7.91 -2.36 11.36
N GLN D 19 -7.54 -1.07 11.45
CA GLN D 19 -8.54 -0.03 11.60
C GLN D 19 -9.39 0.14 10.33
N GLN D 20 -8.94 -0.40 9.20
CA GLN D 20 -9.74 -0.41 7.99
C GLN D 20 -10.34 -1.78 7.66
N GLY D 21 -10.24 -2.73 8.58
CA GLY D 21 -10.89 -4.02 8.43
C GLY D 21 -10.04 -5.12 7.84
N TRP D 22 -8.74 -4.87 7.62
CA TRP D 22 -7.83 -5.92 7.21
C TRP D 22 -7.52 -6.85 8.37
N PHE D 23 -7.07 -8.06 8.05
CA PHE D 23 -6.71 -9.04 9.08
C PHE D 23 -5.49 -9.84 8.63
N HIS D 24 -4.83 -10.44 9.61
CA HIS D 24 -3.47 -10.94 9.47
C HIS D 24 -3.45 -12.46 9.49
N PHE D 25 -2.83 -13.06 8.48
CA PHE D 25 -2.65 -14.50 8.40
C PHE D 25 -1.26 -14.73 7.85
N GLN D 26 -0.42 -15.44 8.61
CA GLN D 26 0.96 -15.79 8.21
C GLN D 26 1.70 -14.47 8.00
N LYS D 27 2.22 -14.19 6.81
CA LYS D 27 3.05 -13.00 6.69
C LYS D 27 2.32 -11.82 6.10
N SER D 28 0.99 -11.92 5.90
CA SER D 28 0.29 -10.94 5.10
C SER D 28 -0.91 -10.36 5.81
N LEU D 29 -1.32 -9.20 5.32
CA LEU D 29 -2.64 -8.65 5.63
C LEU D 29 -3.56 -8.94 4.46
N TYR D 30 -4.84 -9.20 4.79
CA TYR D 30 -5.83 -9.49 3.77
C TYR D 30 -7.03 -8.58 3.95
N TYR D 31 -7.71 -8.32 2.84
CA TYR D 31 -8.89 -7.48 2.85
C TYR D 31 -9.94 -8.17 2.01
N ILE D 32 -11.13 -8.32 2.57
CA ILE D 32 -12.30 -8.83 1.87
C ILE D 32 -13.22 -7.66 1.57
N SER D 33 -13.60 -7.50 0.29
CA SER D 33 -14.35 -6.31 -0.08
C SER D 33 -15.78 -6.39 0.44
N SER D 34 -16.42 -5.22 0.52
CA SER D 34 -17.85 -5.19 0.86
CA SER D 34 -17.84 -5.12 0.86
C SER D 34 -18.71 -4.89 -0.37
N VAL D 35 -18.10 -4.71 -1.54
CA VAL D 35 -18.83 -4.50 -2.78
C VAL D 35 -18.28 -5.48 -3.80
N LYS D 36 -19.07 -5.74 -4.85
CA LYS D 36 -18.54 -6.52 -5.96
C LYS D 36 -17.94 -5.61 -7.03
N ASN D 37 -17.03 -6.16 -7.83
CA ASN D 37 -16.53 -5.34 -8.92
C ASN D 37 -15.94 -6.24 -9.99
N THR D 38 -15.62 -5.62 -11.13
CA THR D 38 -14.93 -6.35 -12.20
C THR D 38 -13.57 -6.76 -11.69
N TRP D 39 -12.94 -7.72 -12.37
CA TRP D 39 -11.61 -8.11 -11.92
C TRP D 39 -10.67 -6.92 -11.94
N HIS D 40 -10.72 -6.12 -13.02
CA HIS D 40 -9.78 -5.02 -13.15
C HIS D 40 -10.01 -3.92 -12.12
N LEU D 41 -11.28 -3.58 -11.85
CA LEU D 41 -11.54 -2.54 -10.83
C LEU D 41 -11.30 -3.06 -9.43
N SER D 42 -11.50 -4.37 -9.18
CA SER D 42 -11.07 -4.95 -7.92
C SER D 42 -9.57 -4.75 -7.73
N ARG D 43 -8.80 -5.07 -8.77
CA ARG D 43 -7.35 -4.90 -8.65
C ARG D 43 -7.00 -3.44 -8.41
N GLU D 44 -7.69 -2.51 -9.09
CA GLU D 44 -7.40 -1.10 -8.87
C GLU D 44 -7.61 -0.72 -7.42
N TYR D 45 -8.65 -1.27 -6.78
CA TYR D 45 -8.83 -0.99 -5.35
C TYR D 45 -7.64 -1.48 -4.54
N CYS D 46 -7.23 -2.74 -4.76
CA CYS D 46 -6.12 -3.28 -3.97
C CYS D 46 -4.88 -2.45 -4.19
N LEU D 47 -4.64 -2.04 -5.44
CA LEU D 47 -3.46 -1.24 -5.76
C LEU D 47 -3.54 0.11 -5.06
N GLN D 48 -4.72 0.74 -5.07
CA GLN D 48 -4.76 2.05 -4.44
C GLN D 48 -4.67 1.96 -2.93
N GLU D 49 -4.80 0.77 -2.35
CA GLU D 49 -4.49 0.63 -0.93
C GLU D 49 -3.06 0.17 -0.68
N GLY D 50 -2.22 0.17 -1.71
CA GLY D 50 -0.84 -0.28 -1.57
C GLY D 50 -0.69 -1.79 -1.50
N ALA D 51 -1.65 -2.52 -2.06
CA ALA D 51 -1.63 -3.97 -2.01
C ALA D 51 -1.82 -4.47 -3.44
N ASP D 52 -2.29 -5.71 -3.58
CA ASP D 52 -2.68 -6.22 -4.89
C ASP D 52 -3.69 -7.33 -4.61
N LEU D 53 -4.27 -7.91 -5.67
CA LEU D 53 -5.17 -9.04 -5.42
C LEU D 53 -4.41 -10.21 -4.81
N ALA D 54 -5.15 -11.06 -4.08
CA ALA D 54 -4.51 -12.12 -3.30
C ALA D 54 -3.78 -13.12 -4.19
N ILE D 55 -2.61 -13.57 -3.69
CA ILE D 55 -1.74 -14.51 -4.40
C ILE D 55 -1.63 -15.75 -3.55
N ILE D 56 -2.02 -16.89 -4.11
CA ILE D 56 -2.08 -18.12 -3.32
C ILE D 56 -0.77 -18.87 -3.50
N ASN D 57 0.04 -18.90 -2.44
CA ASN D 57 1.40 -19.44 -2.48
C ASN D 57 1.53 -20.81 -1.83
N SER D 58 0.48 -21.32 -1.20
CA SER D 58 0.61 -22.56 -0.43
C SER D 58 -0.78 -23.18 -0.24
N ARG D 59 -0.78 -24.48 0.08
CA ARG D 59 -2.05 -25.15 0.34
C ARG D 59 -2.72 -24.57 1.58
N ALA D 60 -1.93 -24.17 2.59
CA ALA D 60 -2.51 -23.55 3.77
C ALA D 60 -3.22 -22.26 3.40
N GLU D 61 -2.65 -21.49 2.46
CA GLU D 61 -3.26 -20.22 2.09
C GLU D 61 -4.53 -20.45 1.27
N GLN D 62 -4.52 -21.50 0.43
CA GLN D 62 -5.74 -21.87 -0.28
C GLN D 62 -6.84 -22.29 0.68
N ALA D 63 -6.48 -23.10 1.70
CA ALA D 63 -7.48 -23.54 2.67
C ALA D 63 -8.06 -22.35 3.43
N PHE D 64 -7.20 -21.40 3.78
CA PHE D 64 -7.64 -20.15 4.41
C PHE D 64 -8.62 -19.41 3.51
N LEU D 65 -8.28 -19.28 2.22
CA LEU D 65 -9.18 -18.64 1.27
C LEU D 65 -10.51 -19.38 1.19
N GLU D 66 -10.47 -20.71 1.10
CA GLU D 66 -11.70 -21.48 0.95
C GLU D 66 -12.60 -21.39 2.18
N ASN D 67 -12.01 -21.23 3.36
CA ASN D 67 -12.81 -21.29 4.57
C ASN D 67 -13.68 -20.05 4.76
N PHE D 68 -13.49 -19.00 3.96
CA PHE D 68 -14.41 -17.87 4.02
C PHE D 68 -15.72 -18.14 3.29
N LYS D 69 -15.82 -19.27 2.57
CA LYS D 69 -17.10 -19.70 1.98
C LYS D 69 -17.68 -18.62 1.08
N MET D 70 -16.82 -18.04 0.26
CA MET D 70 -17.18 -16.84 -0.47
C MET D 70 -16.58 -16.89 -1.85
N THR D 71 -17.34 -16.51 -2.87
CA THR D 71 -16.78 -16.43 -4.21
C THR D 71 -15.99 -15.13 -4.31
N LEU D 72 -14.71 -15.23 -4.73
CA LEU D 72 -13.81 -14.09 -4.63
C LEU D 72 -12.89 -14.02 -5.85
N TRP D 73 -12.72 -12.82 -6.41
CA TRP D 73 -11.60 -12.61 -7.34
C TRP D 73 -10.27 -12.76 -6.62
N ILE D 74 -9.33 -13.46 -7.25
CA ILE D 74 -7.96 -13.55 -6.74
C ILE D 74 -6.99 -13.09 -7.84
N GLY D 75 -5.73 -12.93 -7.46
CA GLY D 75 -4.75 -12.25 -8.31
C GLY D 75 -4.07 -13.12 -9.34
N LEU D 76 -4.83 -13.93 -10.08
CA LEU D 76 -4.30 -14.81 -11.11
C LEU D 76 -4.96 -14.42 -12.43
N MET D 77 -4.16 -14.23 -13.49
CA MET D 77 -4.79 -13.86 -14.74
C MET D 77 -4.05 -14.52 -15.90
N GLU D 78 -4.77 -14.74 -16.98
CA GLU D 78 -4.21 -15.37 -18.17
C GLU D 78 -3.19 -14.45 -18.84
N GLN D 79 -2.17 -15.05 -19.46
CA GLN D 79 -1.25 -14.31 -20.33
C GLN D 79 -1.88 -14.30 -21.71
N ARG D 80 -2.45 -13.15 -22.08
CA ARG D 80 -3.13 -12.95 -23.36
C ARG D 80 -4.18 -14.06 -23.51
N SER D 81 -4.21 -14.81 -24.62
CA SER D 81 -5.11 -15.93 -24.77
C SER D 81 -4.38 -17.26 -24.73
N GLU D 82 -3.18 -17.30 -24.13
CA GLU D 82 -2.29 -18.45 -24.21
C GLU D 82 -2.64 -19.58 -23.28
N ARG D 83 -3.64 -19.42 -22.41
CA ARG D 83 -4.04 -20.47 -21.48
C ARG D 83 -2.87 -20.87 -20.59
N THR D 84 -2.02 -19.89 -20.31
CA THR D 84 -1.02 -20.00 -19.25
C THR D 84 -1.32 -18.84 -18.30
N TRP D 85 -0.82 -18.93 -17.08
CA TRP D 85 -1.34 -18.08 -16.01
C TRP D 85 -0.18 -17.46 -15.24
N ARG D 86 -0.38 -16.23 -14.79
CA ARG D 86 0.62 -15.50 -14.04
C ARG D 86 -0.06 -14.79 -12.88
N TRP D 87 0.55 -14.83 -11.70
CA TRP D 87 0.06 -14.06 -10.56
C TRP D 87 0.34 -12.56 -10.77
N VAL D 88 -0.37 -11.71 -10.01
CA VAL D 88 -0.29 -10.28 -10.28
C VAL D 88 1.08 -9.71 -9.93
N ASP D 89 1.88 -10.44 -9.15
CA ASP D 89 3.23 -9.99 -8.84
C ASP D 89 4.24 -10.42 -9.90
N GLY D 90 3.75 -11.00 -11.00
CA GLY D 90 4.58 -11.43 -12.10
C GLY D 90 4.97 -12.89 -12.09
N THR D 91 4.74 -13.60 -11.01
CA THR D 91 5.26 -14.95 -10.93
C THR D 91 4.35 -15.93 -11.70
N PRO D 92 4.94 -16.92 -12.37
CA PRO D 92 4.13 -17.90 -13.11
C PRO D 92 3.37 -18.80 -12.16
N LEU D 93 2.25 -19.31 -12.63
CA LEU D 93 1.48 -20.28 -11.87
C LEU D 93 2.29 -21.57 -11.73
N THR D 94 2.38 -22.08 -10.50
CA THR D 94 2.93 -23.40 -10.26
C THR D 94 1.85 -24.29 -9.67
N GLU D 95 1.76 -24.36 -8.34
CA GLU D 95 0.72 -25.16 -7.71
C GLU D 95 -0.64 -24.51 -7.94
N SER D 96 -1.64 -25.31 -8.32
CA SER D 96 -2.93 -24.80 -8.72
C SER D 96 -4.05 -25.55 -8.00
N TYR D 97 -5.22 -24.90 -7.93
CA TYR D 97 -6.37 -25.43 -7.24
C TYR D 97 -7.63 -25.24 -8.08
N TRP D 98 -7.52 -25.51 -9.39
CA TRP D 98 -8.66 -25.39 -10.28
C TRP D 98 -9.78 -26.31 -9.84
N SER D 99 -11.01 -25.80 -9.93
CA SER D 99 -12.14 -26.68 -9.72
CA SER D 99 -12.19 -26.63 -9.76
C SER D 99 -12.30 -27.63 -10.89
N LEU D 100 -13.11 -28.66 -10.69
CA LEU D 100 -13.19 -29.71 -11.69
C LEU D 100 -13.65 -29.15 -13.04
N GLY D 101 -12.89 -29.48 -14.09
CA GLY D 101 -13.23 -29.06 -15.44
C GLY D 101 -12.78 -27.66 -15.80
N GLU D 102 -12.06 -26.96 -14.90
CA GLU D 102 -11.51 -25.63 -15.16
C GLU D 102 -10.00 -25.68 -15.32
N PRO D 103 -9.40 -24.67 -16.02
CA PRO D 103 -10.05 -23.54 -16.72
C PRO D 103 -10.64 -23.99 -18.04
N ASN D 104 -11.66 -23.31 -18.56
CA ASN D 104 -12.35 -23.87 -19.71
C ASN D 104 -12.81 -22.88 -20.78
N ASN D 105 -12.65 -21.56 -20.61
CA ASN D 105 -13.20 -20.59 -21.57
C ASN D 105 -14.63 -20.98 -21.93
N TYR D 106 -15.45 -21.05 -20.89
CA TYR D 106 -16.81 -21.61 -20.95
C TYR D 106 -17.58 -21.13 -22.17
N GLU D 107 -18.11 -22.09 -22.94
CA GLU D 107 -18.94 -21.80 -24.12
C GLU D 107 -18.24 -20.93 -25.15
N GLY D 108 -16.90 -21.03 -25.24
CA GLY D 108 -16.17 -20.27 -26.23
C GLY D 108 -15.93 -18.83 -25.87
N ARG D 109 -16.32 -18.40 -24.67
CA ARG D 109 -16.12 -17.02 -24.22
C ARG D 109 -14.72 -16.84 -23.65
N GLN D 110 -14.17 -15.65 -23.82
CA GLN D 110 -12.86 -15.34 -23.26
C GLN D 110 -12.94 -15.20 -21.73
N GLU D 111 -12.33 -16.12 -21.00
CA GLU D 111 -12.34 -16.09 -19.53
C GLU D 111 -10.91 -15.94 -19.04
N GLN D 112 -10.42 -14.70 -18.87
CA GLN D 112 -9.00 -14.48 -18.59
C GLN D 112 -8.68 -14.24 -17.12
N CYS D 113 -9.70 -14.15 -16.26
CA CYS D 113 -9.50 -13.79 -14.86
C CYS D 113 -9.95 -14.92 -13.94
N VAL D 114 -9.35 -15.03 -12.75
CA VAL D 114 -9.59 -16.20 -11.91
C VAL D 114 -10.37 -15.81 -10.66
N GLU D 115 -11.44 -16.54 -10.39
CA GLU D 115 -12.17 -16.44 -9.14
C GLU D 115 -12.00 -17.74 -8.35
N GLN D 116 -12.08 -17.63 -7.03
CA GLN D 116 -12.31 -18.80 -6.19
C GLN D 116 -13.82 -18.95 -6.11
N ILE D 117 -14.36 -20.09 -6.56
CA ILE D 117 -15.81 -20.25 -6.50
C ILE D 117 -16.18 -21.02 -5.24
N ASP D 118 -17.32 -20.66 -4.68
CA ASP D 118 -17.85 -21.38 -3.51
C ASP D 118 -19.32 -21.62 -3.80
N ARG D 119 -19.61 -22.79 -4.35
CA ARG D 119 -20.96 -23.27 -4.57
C ARG D 119 -21.09 -24.60 -3.84
N GLU D 120 -22.34 -25.02 -3.57
CA GLU D 120 -22.53 -26.24 -2.80
C GLU D 120 -21.79 -27.42 -3.41
N ASP D 121 -21.80 -27.54 -4.73
CA ASP D 121 -21.15 -28.68 -5.38
C ASP D 121 -19.74 -28.38 -5.89
N LYS D 122 -19.47 -27.13 -6.28
CA LYS D 122 -18.23 -26.78 -6.97
C LYS D 122 -17.47 -25.76 -6.14
N LYS D 123 -16.23 -26.09 -5.77
CA LYS D 123 -15.33 -25.21 -5.03
C LYS D 123 -13.95 -25.22 -5.69
N GLY D 124 -13.31 -24.05 -5.71
CA GLY D 124 -11.95 -23.97 -6.22
C GLY D 124 -11.88 -22.92 -7.31
N TRP D 125 -10.73 -22.86 -7.99
CA TRP D 125 -10.55 -21.75 -8.93
C TRP D 125 -11.34 -21.97 -10.21
N ASN D 126 -11.77 -20.86 -10.81
CA ASN D 126 -12.48 -20.92 -12.08
C ASN D 126 -12.04 -19.74 -12.92
N ASP D 127 -11.79 -19.96 -14.21
CA ASP D 127 -11.63 -18.81 -15.10
C ASP D 127 -12.97 -18.20 -15.46
N LEU D 128 -13.03 -16.87 -15.40
CA LEU D 128 -14.28 -16.15 -15.62
C LEU D 128 -14.03 -14.91 -16.46
N VAL D 129 -15.08 -14.48 -17.18
CA VAL D 129 -15.01 -13.22 -17.91
C VAL D 129 -14.64 -12.08 -16.97
N CYS D 130 -13.60 -11.31 -17.34
CA CYS D 130 -13.03 -10.35 -16.40
C CYS D 130 -13.99 -9.23 -16.06
N GLU D 131 -14.91 -8.93 -16.96
CA GLU D 131 -15.89 -7.87 -16.72
C GLU D 131 -17.07 -8.30 -15.87
N PHE D 132 -17.17 -9.58 -15.48
CA PHE D 132 -18.21 -9.99 -14.52
C PHE D 132 -17.82 -9.48 -13.13
N SER D 133 -18.77 -9.47 -12.21
CA SER D 133 -18.46 -8.89 -10.92
C SER D 133 -18.47 -9.93 -9.80
N ASN D 134 -17.55 -9.72 -8.84
CA ASN D 134 -17.39 -10.57 -7.68
C ASN D 134 -16.89 -9.72 -6.52
N PHE D 135 -17.15 -10.19 -5.29
CA PHE D 135 -16.35 -9.71 -4.18
C PHE D 135 -14.88 -10.05 -4.48
N TYR D 136 -13.96 -9.38 -3.77
CA TYR D 136 -12.56 -9.60 -4.08
C TYR D 136 -11.73 -9.55 -2.81
N MET D 137 -10.57 -10.21 -2.86
CA MET D 137 -9.66 -10.28 -1.73
CA MET D 137 -9.66 -10.29 -1.73
C MET D 137 -8.34 -9.65 -2.11
N CYS D 138 -7.92 -8.65 -1.32
CA CYS D 138 -6.58 -8.07 -1.47
C CYS D 138 -5.62 -8.77 -0.52
N GLU D 139 -4.34 -8.77 -0.88
CA GLU D 139 -3.31 -9.27 0.02
C GLU D 139 -2.16 -8.28 0.01
N LYS D 140 -1.66 -7.94 1.20
CA LYS D 140 -0.49 -7.07 1.37
C LYS D 140 0.56 -7.79 2.21
N ARG D 141 1.72 -8.03 1.62
CA ARG D 141 2.80 -8.71 2.32
C ARG D 141 3.42 -7.76 3.33
N ILE D 142 3.55 -8.20 4.59
CA ILE D 142 4.11 -7.36 5.65
C ILE D 142 5.39 -7.97 6.23
N PHE D 143 5.32 -9.23 6.67
CA PHE D 143 6.47 -9.74 7.41
C PHE D 143 7.42 -10.52 6.49
N PRO D 144 8.73 -10.46 6.75
CA PRO D 144 9.70 -11.18 5.92
C PRO D 144 9.68 -12.70 6.16
C1 GOL E . 29.26 0.89 4.60
O1 GOL E . 28.06 0.14 4.49
C2 GOL E . 30.20 0.67 3.43
O2 GOL E . 30.03 -0.54 2.71
C3 GOL E . 30.59 1.92 2.65
O3 GOL E . 31.89 1.69 2.14
CA CA F . 8.93 -0.20 -8.42
CA CA G . 27.98 -1.87 3.01
C1 GOL H . -35.88 -15.76 14.46
O1 GOL H . -35.01 -15.77 15.56
C2 GOL H . -35.98 -14.35 13.93
O2 GOL H . -36.34 -13.47 14.98
C3 GOL H . -36.90 -14.28 12.71
O3 GOL H . -36.93 -12.95 12.28
CA CA I . -13.57 -9.60 21.10
CA CA J . -35.08 -13.91 17.10
C1 GOL K . 24.49 35.14 -2.72
O1 GOL K . 23.58 35.16 -3.82
C2 GOL K . 23.69 35.03 -1.44
O2 GOL K . 22.83 36.15 -1.32
C3 GOL K . 24.65 34.86 -0.27
O3 GOL K . 23.89 34.81 0.92
CA CA L . 4.70 25.21 -12.71
CA CA M . 21.57 36.68 -3.52
C1 GOL N . -17.88 -20.46 -16.05
O1 GOL N . -16.60 -19.83 -15.96
C2 GOL N . -17.77 -21.87 -15.55
O2 GOL N . -16.69 -22.57 -16.17
C3 GOL N . -19.12 -22.58 -15.63
O3 GOL N . -18.93 -23.92 -15.26
CA CA O . 0.10 -14.96 -0.66
CA CA P . -14.56 -21.19 -16.49
#